data_8GA2
#
_entry.id   8GA2
#
_cell.length_a   45.860
_cell.length_b   107.010
_cell.length_c   55.830
_cell.angle_alpha   90.00
_cell.angle_beta   113.98
_cell.angle_gamma   90.00
#
_symmetry.space_group_name_H-M   'P 1 21 1'
#
loop_
_entity.id
_entity.type
_entity.pdbx_description
1 polymer 'CREB-binding protein'
2 non-polymer 1,2-ETHANEDIOL
3 non-polymer (6S)-6-{(5M)-5-(3,5-dimethyl-1,2-oxazol-4-yl)-1-[(1s,4R)-4-methoxycyclohexyl]-1H-benzimidazol-2-yl}-1-phenylpiperidin-2-one
4 water water
#
_entity_poly.entity_id   1
_entity_poly.type   'polypeptide(L)'
_entity_poly.pdbx_seq_one_letter_code
;KKIFKPEELRQALMPTLEALYRQDPESLPFRQPVDPQLLGIPDYFDIVKNPMDLSTIKRKLDTGQYQEPWQYVDDVWLMF
NNAWLYNRKTSRVYKFCSKLAEVFEQEIDPVMQSLG
;
_entity_poly.pdbx_strand_id   A,D,C,B
#
loop_
_chem_comp.id
_chem_comp.type
_chem_comp.name
_chem_comp.formula
EDO non-polymer 1,2-ETHANEDIOL 'C2 H6 O2'
YVK non-polymer (6S)-6-{(5M)-5-(3,5-dimethyl-1,2-oxazol-4-yl)-1-[(1s,4R)-4-methoxycyclohexyl]-1H-benzimidazol-2-yl}-1-phenylpiperidin-2-one 'C30 H34 N4 O3'
#
# COMPACT_ATOMS: atom_id res chain seq x y z
N LYS A 1 -9.62 -14.66 13.12
CA LYS A 1 -10.30 -15.10 11.90
C LYS A 1 -10.25 -16.61 11.77
N LYS A 2 -10.78 -17.12 10.65
CA LYS A 2 -10.88 -18.56 10.43
C LYS A 2 -9.50 -19.22 10.50
N ILE A 3 -9.41 -20.30 11.27
CA ILE A 3 -8.18 -21.05 11.40
C ILE A 3 -8.26 -22.23 10.43
N PHE A 4 -7.21 -22.38 9.63
CA PHE A 4 -7.09 -23.46 8.66
C PHE A 4 -6.03 -24.44 9.15
N LYS A 5 -6.05 -25.65 8.60
CA LYS A 5 -5.01 -26.59 8.96
C LYS A 5 -4.48 -27.28 7.70
N PRO A 6 -3.21 -27.72 7.72
CA PRO A 6 -2.52 -28.02 6.46
C PRO A 6 -3.23 -28.99 5.54
N GLU A 7 -3.76 -30.11 6.07
CA GLU A 7 -4.38 -31.10 5.20
C GLU A 7 -5.61 -30.55 4.51
N GLU A 8 -6.37 -29.71 5.21
CA GLU A 8 -7.51 -29.03 4.62
C GLU A 8 -7.06 -28.13 3.47
N LEU A 9 -5.99 -27.37 3.67
CA LEU A 9 -5.48 -26.53 2.61
C LEU A 9 -4.94 -27.35 1.45
N ARG A 10 -4.21 -28.43 1.73
CA ARG A 10 -3.60 -29.16 0.62
C ARG A 10 -4.69 -29.80 -0.24
N GLN A 11 -5.71 -30.39 0.39
CA GLN A 11 -6.78 -31.04 -0.37
C GLN A 11 -7.57 -30.03 -1.19
N ALA A 12 -7.79 -28.83 -0.66
CA ALA A 12 -8.53 -27.81 -1.39
C ALA A 12 -7.70 -27.18 -2.51
N LEU A 13 -6.43 -26.88 -2.23
CA LEU A 13 -5.62 -26.09 -3.16
C LEU A 13 -4.86 -26.93 -4.18
N MET A 14 -4.44 -28.15 -3.82
CA MET A 14 -3.58 -28.90 -4.73
C MET A 14 -4.19 -29.12 -6.10
N PRO A 15 -5.51 -29.32 -6.26
CA PRO A 15 -6.06 -29.46 -7.63
C PRO A 15 -5.85 -28.21 -8.47
N THR A 16 -5.74 -27.01 -7.85
CA THR A 16 -5.49 -25.83 -8.66
C THR A 16 -4.04 -25.82 -9.14
N LEU A 17 -3.12 -26.32 -8.31
CA LEU A 17 -1.74 -26.45 -8.76
C LEU A 17 -1.61 -27.53 -9.80
N GLU A 18 -2.37 -28.61 -9.62
CA GLU A 18 -2.35 -29.71 -10.58
C GLU A 18 -2.81 -29.23 -11.95
N ALA A 19 -3.82 -28.35 -11.99
CA ALA A 19 -4.28 -27.80 -13.26
C ALA A 19 -3.20 -27.01 -13.98
N LEU A 20 -2.30 -26.35 -13.22
CA LEU A 20 -1.20 -25.64 -13.85
C LEU A 20 -0.20 -26.62 -14.43
N TYR A 21 0.14 -27.66 -13.65
CA TYR A 21 1.07 -28.68 -14.13
C TYR A 21 0.56 -29.36 -15.39
N ARG A 22 -0.75 -29.54 -15.51
CA ARG A 22 -1.30 -30.25 -16.66
C ARG A 22 -1.16 -29.47 -17.97
N GLN A 23 -0.90 -28.17 -17.91
CA GLN A 23 -0.72 -27.39 -19.13
C GLN A 23 0.63 -27.71 -19.78
N ASP A 24 0.59 -28.33 -20.96
CA ASP A 24 1.79 -28.82 -21.62
C ASP A 24 1.70 -28.26 -23.03
N PRO A 25 2.65 -27.45 -23.48
CA PRO A 25 3.96 -27.10 -22.88
C PRO A 25 3.98 -25.86 -21.99
N GLU A 26 2.82 -25.23 -21.72
CA GLU A 26 2.83 -23.91 -21.11
C GLU A 26 3.45 -23.88 -19.72
N SER A 27 3.38 -25.00 -18.97
CA SER A 27 3.94 -25.01 -17.63
C SER A 27 5.42 -25.42 -17.57
N LEU A 28 5.98 -25.89 -18.69
CA LEU A 28 7.35 -26.42 -18.67
C LEU A 28 8.37 -25.43 -18.12
N PRO A 29 8.35 -24.14 -18.49
CA PRO A 29 9.32 -23.20 -17.90
C PRO A 29 9.16 -23.02 -16.40
N PHE A 30 8.06 -23.47 -15.82
CA PHE A 30 7.72 -23.14 -14.45
C PHE A 30 7.79 -24.33 -13.51
N ARG A 31 8.10 -25.53 -14.02
CA ARG A 31 8.14 -26.74 -13.18
C ARG A 31 9.38 -26.85 -12.32
N GLN A 32 10.40 -26.05 -12.57
CA GLN A 32 11.63 -26.07 -11.78
C GLN A 32 12.10 -24.64 -11.62
N PRO A 33 12.88 -24.35 -10.59
CA PRO A 33 13.41 -22.98 -10.45
C PRO A 33 14.23 -22.58 -11.66
N VAL A 34 14.15 -21.30 -12.00
CA VAL A 34 15.02 -20.76 -13.04
C VAL A 34 16.46 -20.96 -12.59
N ASP A 35 17.28 -21.52 -13.46
CA ASP A 35 18.73 -21.67 -13.23
C ASP A 35 19.47 -20.68 -14.15
N PRO A 36 19.81 -19.49 -13.65
CA PRO A 36 20.35 -18.44 -14.53
C PRO A 36 21.72 -18.79 -15.09
N GLN A 37 22.46 -19.66 -14.42
CA GLN A 37 23.76 -20.11 -14.90
C GLN A 37 23.62 -20.97 -16.15
N LEU A 38 22.84 -22.05 -16.06
CA LEU A 38 22.64 -22.90 -17.22
C LEU A 38 21.97 -22.16 -18.36
N LEU A 39 21.06 -21.24 -18.06
CA LEU A 39 20.35 -20.56 -19.13
C LEU A 39 21.09 -19.35 -19.69
N GLY A 40 22.24 -19.00 -19.13
CA GLY A 40 23.02 -17.90 -19.67
C GLY A 40 22.42 -16.52 -19.50
N ILE A 41 21.74 -16.28 -18.38
CA ILE A 41 21.06 -15.02 -18.14
C ILE A 41 21.54 -14.51 -16.77
N PRO A 42 22.81 -14.11 -16.67
CA PRO A 42 23.41 -13.91 -15.34
C PRO A 42 22.81 -12.75 -14.55
N ASP A 43 22.01 -11.91 -15.18
CA ASP A 43 21.33 -10.82 -14.47
C ASP A 43 19.97 -11.23 -13.90
N TYR A 44 19.62 -12.52 -13.93
CA TYR A 44 18.28 -12.90 -13.51
C TYR A 44 18.03 -12.52 -12.07
N PHE A 45 18.93 -12.90 -11.16
CA PHE A 45 18.75 -12.60 -9.74
C PHE A 45 19.01 -11.12 -9.42
N ASP A 46 19.52 -10.32 -10.37
CA ASP A 46 19.56 -8.88 -10.20
C ASP A 46 18.18 -8.25 -10.37
N ILE A 47 17.32 -8.91 -11.12
CA ILE A 47 15.98 -8.41 -11.44
C ILE A 47 14.91 -9.11 -10.61
N VAL A 48 15.09 -10.40 -10.37
CA VAL A 48 14.12 -11.24 -9.67
C VAL A 48 14.69 -11.54 -8.29
N LYS A 49 14.21 -10.80 -7.28
CA LYS A 49 14.75 -10.90 -5.94
C LYS A 49 14.13 -12.04 -5.12
N ASN A 50 12.93 -12.49 -5.47
CA ASN A 50 12.27 -13.60 -4.77
C ASN A 50 11.79 -14.61 -5.79
N PRO A 51 12.66 -15.51 -6.21
CA PRO A 51 12.27 -16.52 -7.20
C PRO A 51 11.20 -17.45 -6.65
N MET A 52 10.36 -17.96 -7.55
CA MET A 52 9.28 -18.88 -7.21
C MET A 52 8.97 -19.74 -8.42
N ASP A 53 8.57 -20.99 -8.18
CA ASP A 53 8.24 -21.90 -9.27
C ASP A 53 7.29 -22.97 -8.75
N LEU A 54 6.72 -23.75 -9.69
CA LEU A 54 5.70 -24.72 -9.29
C LEU A 54 6.25 -25.75 -8.29
N SER A 55 7.51 -26.19 -8.47
CA SER A 55 8.04 -27.23 -7.58
C SER A 55 8.15 -26.73 -6.14
N THR A 56 8.51 -25.46 -6.00
CA THR A 56 8.61 -24.86 -4.67
C THR A 56 7.23 -24.75 -4.03
N ILE A 57 6.25 -24.30 -4.80
CA ILE A 57 4.90 -24.16 -4.27
C ILE A 57 4.34 -25.50 -3.88
N LYS A 58 4.60 -26.53 -4.72
CA LYS A 58 4.12 -27.87 -4.41
C LYS A 58 4.72 -28.39 -3.11
N ARG A 59 6.04 -28.19 -2.93
CA ARG A 59 6.67 -28.62 -1.69
C ARG A 59 6.08 -27.90 -0.48
N LYS A 60 5.78 -26.60 -0.62
CA LYS A 60 5.20 -25.86 0.50
C LYS A 60 3.80 -26.38 0.84
N LEU A 61 2.96 -26.63 -0.17
CA LEU A 61 1.67 -27.26 0.10
C LEU A 61 1.85 -28.64 0.76
N ASP A 62 2.75 -29.46 0.21
CA ASP A 62 2.94 -30.82 0.71
C ASP A 62 3.42 -30.86 2.15
N THR A 63 4.21 -29.86 2.56
CA THR A 63 4.86 -29.87 3.86
C THR A 63 4.23 -28.88 4.85
N GLY A 64 3.02 -28.41 4.57
CA GLY A 64 2.31 -27.62 5.56
C GLY A 64 2.89 -26.24 5.83
N GLN A 65 3.48 -25.60 4.83
CA GLN A 65 4.10 -24.32 5.09
C GLN A 65 3.18 -23.14 4.81
N TYR A 66 1.91 -23.38 4.47
CA TYR A 66 0.92 -22.32 4.29
C TYR A 66 -0.08 -22.39 5.43
N GLN A 67 -0.20 -21.29 6.18
CA GLN A 67 -1.22 -21.23 7.21
C GLN A 67 -2.58 -20.82 6.67
N GLU A 68 -2.63 -20.09 5.55
CA GLU A 68 -3.84 -19.53 4.98
C GLU A 68 -3.83 -19.64 3.48
N PRO A 69 -5.01 -19.77 2.86
CA PRO A 69 -5.05 -19.93 1.39
C PRO A 69 -4.43 -18.76 0.64
N TRP A 70 -4.55 -17.54 1.16
CA TRP A 70 -4.02 -16.38 0.44
C TRP A 70 -2.50 -16.43 0.32
N GLN A 71 -1.81 -17.11 1.25
CA GLN A 71 -0.36 -17.24 1.10
C GLN A 71 -0.01 -18.11 -0.10
N TYR A 72 -0.82 -19.13 -0.36
CA TYR A 72 -0.59 -19.96 -1.55
C TYR A 72 -0.82 -19.14 -2.81
N VAL A 73 -1.93 -18.42 -2.84
CA VAL A 73 -2.26 -17.56 -3.98
C VAL A 73 -1.15 -16.54 -4.20
N ASP A 74 -0.61 -15.97 -3.11
CA ASP A 74 0.47 -15.00 -3.21
C ASP A 74 1.67 -15.60 -3.96
N ASP A 75 2.06 -16.82 -3.60
CA ASP A 75 3.21 -17.46 -4.23
C ASP A 75 2.96 -17.73 -5.71
N VAL A 76 1.74 -18.11 -6.07
CA VAL A 76 1.43 -18.35 -7.49
C VAL A 76 1.57 -17.06 -8.29
N TRP A 77 0.93 -15.98 -7.82
CA TRP A 77 1.04 -14.73 -8.55
C TRP A 77 2.45 -14.18 -8.51
N LEU A 78 3.22 -14.52 -7.47
CA LEU A 78 4.61 -14.10 -7.45
C LEU A 78 5.39 -14.78 -8.58
N MET A 79 5.15 -16.09 -8.76
CA MET A 79 5.82 -16.81 -9.85
C MET A 79 5.45 -16.21 -11.20
N PHE A 80 4.17 -15.88 -11.40
CA PHE A 80 3.75 -15.26 -12.64
C PHE A 80 4.41 -13.90 -12.82
N ASN A 81 4.43 -13.08 -11.76
CA ASN A 81 4.95 -11.74 -11.92
C ASN A 81 6.47 -11.71 -12.10
N ASN A 82 7.18 -12.70 -11.55
CA ASN A 82 8.60 -12.80 -11.87
C ASN A 82 8.81 -13.02 -13.36
N ALA A 83 8.01 -13.91 -13.96
CA ALA A 83 8.18 -14.18 -15.38
C ALA A 83 7.76 -12.99 -16.24
N TRP A 84 6.66 -12.31 -15.86
CA TRP A 84 6.24 -11.14 -16.62
C TRP A 84 7.27 -10.00 -16.52
N LEU A 85 7.92 -9.87 -15.36
CA LEU A 85 8.93 -8.83 -15.17
C LEU A 85 10.17 -9.11 -16.02
N TYR A 86 10.63 -10.36 -16.02
CA TYR A 86 11.94 -10.61 -16.63
C TYR A 86 11.87 -10.75 -18.15
N ASN A 87 10.76 -11.24 -18.70
CA ASN A 87 10.68 -11.61 -20.11
C ASN A 87 9.96 -10.54 -20.92
N ARG A 88 10.33 -10.44 -22.21
CA ARG A 88 9.64 -9.56 -23.14
C ARG A 88 8.18 -10.00 -23.29
N LYS A 89 7.30 -9.02 -23.49
CA LYS A 89 5.89 -9.33 -23.69
C LYS A 89 5.65 -10.22 -24.90
N THR A 90 6.54 -10.19 -25.88
CA THR A 90 6.38 -10.96 -27.10
C THR A 90 6.99 -12.37 -27.02
N SER A 91 7.61 -12.71 -25.90
CA SER A 91 8.33 -13.98 -25.79
C SER A 91 7.38 -15.15 -25.53
N ARG A 92 7.86 -16.34 -25.87
CA ARG A 92 7.11 -17.56 -25.61
C ARG A 92 6.82 -17.75 -24.13
N VAL A 93 7.81 -17.49 -23.28
CA VAL A 93 7.62 -17.75 -21.87
C VAL A 93 6.62 -16.76 -21.27
N TYR A 94 6.65 -15.50 -21.71
CA TYR A 94 5.68 -14.52 -21.21
C TYR A 94 4.26 -14.94 -21.56
N LYS A 95 4.07 -15.37 -22.79
CA LYS A 95 2.75 -15.80 -23.23
C LYS A 95 2.30 -17.06 -22.50
N PHE A 96 3.21 -18.02 -22.28
CA PHE A 96 2.86 -19.23 -21.54
C PHE A 96 2.50 -18.88 -20.10
N CYS A 97 3.20 -17.91 -19.52
CA CYS A 97 2.83 -17.41 -18.20
C CYS A 97 1.40 -16.88 -18.20
N SER A 98 1.04 -16.07 -19.19
CA SER A 98 -0.32 -15.56 -19.21
C SER A 98 -1.34 -16.67 -19.39
N LYS A 99 -0.97 -17.74 -20.10
CA LYS A 99 -1.88 -18.88 -20.21
C LYS A 99 -2.11 -19.53 -18.85
N LEU A 100 -1.03 -19.76 -18.08
CA LEU A 100 -1.17 -20.32 -16.75
C LEU A 100 -2.01 -19.42 -15.85
N ALA A 101 -1.82 -18.09 -15.96
CA ALA A 101 -2.62 -17.16 -15.16
C ALA A 101 -4.11 -17.26 -15.46
N GLU A 102 -4.46 -17.43 -16.73
CA GLU A 102 -5.86 -17.58 -17.11
C GLU A 102 -6.43 -18.86 -16.52
N VAL A 103 -5.65 -19.95 -16.57
CA VAL A 103 -6.08 -21.21 -15.98
C VAL A 103 -6.23 -21.06 -14.47
N PHE A 104 -5.25 -20.42 -13.84
CA PHE A 104 -5.29 -20.30 -12.39
C PHE A 104 -6.52 -19.51 -11.95
N GLU A 105 -6.78 -18.40 -12.65
CA GLU A 105 -7.89 -17.55 -12.26
C GLU A 105 -9.22 -18.32 -12.35
N GLN A 106 -9.36 -19.20 -13.35
CA GLN A 106 -10.58 -20.00 -13.40
C GLN A 106 -10.64 -21.05 -12.28
N GLU A 107 -9.51 -21.68 -11.96
CA GLU A 107 -9.47 -22.74 -10.96
C GLU A 107 -9.58 -22.19 -9.54
N ILE A 108 -8.91 -21.07 -9.25
CA ILE A 108 -8.82 -20.65 -7.85
C ILE A 108 -10.13 -20.01 -7.37
N ASP A 109 -10.89 -19.35 -8.26
CA ASP A 109 -12.07 -18.60 -7.82
C ASP A 109 -13.10 -19.47 -7.10
N PRO A 110 -13.60 -20.56 -7.66
CA PRO A 110 -14.54 -21.40 -6.89
C PRO A 110 -13.94 -21.99 -5.62
N VAL A 111 -12.64 -22.28 -5.62
CA VAL A 111 -12.01 -22.85 -4.43
C VAL A 111 -11.97 -21.82 -3.30
N MET A 112 -11.56 -20.59 -3.60
CA MET A 112 -11.43 -19.61 -2.54
C MET A 112 -12.80 -19.20 -2.01
N GLN A 113 -13.79 -19.14 -2.88
CA GLN A 113 -15.17 -18.97 -2.44
C GLN A 113 -15.57 -20.07 -1.46
N SER A 114 -15.22 -21.33 -1.75
CA SER A 114 -15.63 -22.43 -0.89
C SER A 114 -14.83 -22.52 0.41
N LEU A 115 -13.65 -21.90 0.47
CA LEU A 115 -12.87 -21.81 1.70
C LEU A 115 -13.27 -20.64 2.58
N GLY A 116 -14.25 -19.84 2.15
CA GLY A 116 -14.61 -18.63 2.87
C GLY A 116 -15.80 -18.75 3.79
N LYS B 1 -8.31 16.97 23.31
CA LYS B 1 -9.63 17.16 22.70
C LYS B 1 -10.38 15.84 22.60
N LYS B 2 -10.17 15.13 21.49
CA LYS B 2 -10.82 13.84 21.24
C LYS B 2 -10.14 12.74 22.06
N ILE B 3 -10.95 11.94 22.75
CA ILE B 3 -10.46 10.85 23.60
C ILE B 3 -10.85 9.53 22.93
N PHE B 4 -9.94 8.56 22.95
CA PHE B 4 -10.15 7.25 22.33
C PHE B 4 -10.09 6.16 23.37
N LYS B 5 -11.13 5.34 23.45
CA LYS B 5 -11.05 4.17 24.29
C LYS B 5 -10.12 3.13 23.67
N PRO B 6 -9.46 2.33 24.50
CA PRO B 6 -8.55 1.29 23.97
C PRO B 6 -9.18 0.36 22.94
N GLU B 7 -10.42 -0.06 23.16
CA GLU B 7 -11.02 -1.02 22.25
C GLU B 7 -11.25 -0.40 20.87
N GLU B 8 -11.64 0.89 20.84
CA GLU B 8 -11.77 1.56 19.56
C GLU B 8 -10.44 1.63 18.84
N LEU B 9 -9.36 1.92 19.57
CA LEU B 9 -8.05 1.99 18.93
C LEU B 9 -7.61 0.63 18.44
N ARG B 10 -7.87 -0.40 19.24
CA ARG B 10 -7.39 -1.73 18.88
C ARG B 10 -8.10 -2.25 17.64
N GLN B 11 -9.40 -2.00 17.50
CA GLN B 11 -10.09 -2.50 16.32
C GLN B 11 -9.72 -1.72 15.06
N ALA B 12 -9.46 -0.42 15.18
CA ALA B 12 -9.07 0.38 14.02
C ALA B 12 -7.63 0.09 13.58
N LEU B 13 -6.72 -0.03 14.54
CA LEU B 13 -5.28 -0.05 14.23
C LEU B 13 -4.71 -1.44 14.04
N MET B 14 -5.23 -2.46 14.74
CA MET B 14 -4.74 -3.83 14.59
C MET B 14 -4.69 -4.32 13.14
N PRO B 15 -5.65 -4.00 12.26
CA PRO B 15 -5.49 -4.40 10.85
C PRO B 15 -4.24 -3.84 10.19
N THR B 16 -3.80 -2.63 10.57
CA THR B 16 -2.59 -2.10 9.95
C THR B 16 -1.36 -2.84 10.43
N LEU B 17 -1.36 -3.32 11.67
CA LEU B 17 -0.27 -4.16 12.15
C LEU B 17 -0.31 -5.54 11.52
N GLU B 18 -1.52 -6.11 11.39
CA GLU B 18 -1.66 -7.39 10.74
C GLU B 18 -1.11 -7.35 9.33
N ALA B 19 -1.30 -6.22 8.62
CA ALA B 19 -0.79 -6.11 7.27
C ALA B 19 0.73 -6.17 7.25
N LEU B 20 1.41 -5.71 8.31
CA LEU B 20 2.86 -5.85 8.36
C LEU B 20 3.27 -7.30 8.59
N TYR B 21 2.62 -7.96 9.54
CA TYR B 21 2.90 -9.37 9.80
C TYR B 21 2.76 -10.23 8.53
N ARG B 22 1.80 -9.89 7.67
CA ARG B 22 1.57 -10.72 6.49
C ARG B 22 2.69 -10.66 5.47
N GLN B 23 3.60 -9.70 5.57
CA GLN B 23 4.73 -9.61 4.65
C GLN B 23 5.77 -10.64 5.10
N ASP B 24 5.98 -11.67 4.27
CA ASP B 24 6.95 -12.73 4.53
C ASP B 24 7.79 -12.89 3.27
N PRO B 25 9.12 -12.81 3.37
CA PRO B 25 9.96 -12.79 4.58
C PRO B 25 10.20 -11.41 5.20
N GLU B 26 9.60 -10.31 4.69
CA GLU B 26 10.04 -8.96 5.09
C GLU B 26 9.79 -8.67 6.57
N SER B 27 8.71 -9.18 7.15
CA SER B 27 8.47 -8.90 8.56
C SER B 27 9.24 -9.82 9.50
N LEU B 28 9.86 -10.88 8.99
CA LEU B 28 10.49 -11.84 9.87
C LEU B 28 11.53 -11.21 10.80
N PRO B 29 12.40 -10.30 10.36
CA PRO B 29 13.36 -9.68 11.30
C PRO B 29 12.71 -8.80 12.35
N PHE B 30 11.43 -8.50 12.21
CA PHE B 30 10.75 -7.52 13.05
C PHE B 30 9.74 -8.14 14.00
N ARG B 31 9.60 -9.47 13.99
CA ARG B 31 8.53 -10.09 14.74
C ARG B 31 8.85 -10.27 16.22
N GLN B 32 10.11 -10.25 16.60
CA GLN B 32 10.55 -10.32 17.99
C GLN B 32 11.60 -9.23 18.17
N PRO B 33 11.93 -8.89 19.41
CA PRO B 33 12.96 -7.85 19.63
C PRO B 33 14.31 -8.32 19.11
N VAL B 34 15.13 -7.38 18.65
CA VAL B 34 16.50 -7.74 18.28
C VAL B 34 17.22 -8.25 19.53
N ASP B 35 17.84 -9.43 19.42
CA ASP B 35 18.63 -10.01 20.51
C ASP B 35 20.11 -9.90 20.18
N PRO B 36 20.79 -8.88 20.69
CA PRO B 36 22.17 -8.67 20.25
C PRO B 36 23.16 -9.78 20.62
N GLN B 37 22.90 -10.46 21.72
CA GLN B 37 23.78 -11.57 22.10
C GLN B 37 23.66 -12.72 21.11
N LEU B 38 22.44 -13.13 20.82
CA LEU B 38 22.19 -14.23 19.91
C LEU B 38 22.70 -13.94 18.52
N LEU B 39 22.60 -12.69 18.11
CA LEU B 39 23.04 -12.32 16.79
C LEU B 39 24.50 -11.86 16.74
N GLY B 40 25.15 -11.81 17.89
CA GLY B 40 26.55 -11.41 17.92
C GLY B 40 26.84 -9.99 17.47
N ILE B 41 25.94 -9.05 17.75
CA ILE B 41 26.16 -7.65 17.41
C ILE B 41 26.17 -6.82 18.68
N PRO B 42 27.25 -6.85 19.46
CA PRO B 42 27.23 -6.16 20.76
C PRO B 42 27.10 -4.66 20.68
N ASP B 43 27.33 -4.05 19.52
CA ASP B 43 27.15 -2.60 19.42
C ASP B 43 25.70 -2.18 19.25
N TYR B 44 24.75 -3.11 19.19
CA TYR B 44 23.38 -2.75 18.80
C TYR B 44 22.78 -1.71 19.76
N PHE B 45 22.86 -1.99 21.06
CA PHE B 45 22.30 -1.06 22.05
C PHE B 45 23.15 0.18 22.24
N ASP B 46 24.38 0.21 21.72
CA ASP B 46 25.15 1.44 21.63
C ASP B 46 24.60 2.37 20.57
N ILE B 47 23.82 1.84 19.63
CA ILE B 47 23.30 2.62 18.54
C ILE B 47 21.79 2.82 18.64
N VAL B 48 21.08 1.78 19.05
CA VAL B 48 19.62 1.82 19.17
C VAL B 48 19.28 1.95 20.64
N LYS B 49 18.94 3.17 21.06
CA LYS B 49 18.61 3.42 22.46
C LYS B 49 17.16 3.10 22.81
N ASN B 50 16.29 2.96 21.82
CA ASN B 50 14.85 2.87 22.04
C ASN B 50 14.30 1.74 21.18
N PRO B 51 14.63 0.49 21.51
CA PRO B 51 14.25 -0.64 20.64
C PRO B 51 12.74 -0.79 20.52
N MET B 52 12.28 -1.34 19.39
CA MET B 52 10.84 -1.49 19.25
C MET B 52 10.68 -2.60 18.20
N ASP B 53 9.62 -3.40 18.31
CA ASP B 53 9.42 -4.49 17.36
C ASP B 53 7.94 -4.80 17.30
N LEU B 54 7.55 -5.58 16.30
CA LEU B 54 6.12 -5.84 16.09
C LEU B 54 5.47 -6.47 17.31
N SER B 55 6.17 -7.38 18.00
CA SER B 55 5.58 -8.07 19.14
C SER B 55 5.29 -7.12 20.29
N THR B 56 6.18 -6.14 20.50
CA THR B 56 5.94 -5.13 21.51
C THR B 56 4.76 -4.24 21.14
N ILE B 57 4.68 -3.86 19.86
CA ILE B 57 3.58 -3.00 19.42
C ILE B 57 2.25 -3.73 19.61
N LYS B 58 2.18 -4.99 19.15
CA LYS B 58 0.96 -5.79 19.30
C LYS B 58 0.57 -5.91 20.77
N ARG B 59 1.55 -6.19 21.63
CA ARG B 59 1.32 -6.28 23.06
C ARG B 59 0.73 -4.99 23.60
N LYS B 60 1.27 -3.84 23.20
CA LYS B 60 0.75 -2.57 23.70
C LYS B 60 -0.68 -2.29 23.21
N LEU B 61 -1.00 -2.65 21.97
CA LEU B 61 -2.38 -2.49 21.49
C LEU B 61 -3.36 -3.40 22.22
N ASP B 62 -2.98 -4.67 22.41
CA ASP B 62 -3.86 -5.62 23.07
C ASP B 62 -4.18 -5.22 24.50
N THR B 63 -3.29 -4.46 25.14
CA THR B 63 -3.47 -4.09 26.55
C THR B 63 -3.89 -2.63 26.73
N GLY B 64 -4.04 -1.87 25.65
CA GLY B 64 -4.54 -0.52 25.80
C GLY B 64 -3.53 0.50 26.26
N GLN B 65 -2.28 0.36 25.87
CA GLN B 65 -1.22 1.25 26.31
C GLN B 65 -1.11 2.49 25.45
N TYR B 66 -1.77 2.54 24.30
CA TYR B 66 -1.84 3.76 23.51
C TYR B 66 -3.12 4.50 23.88
N GLN B 67 -2.97 5.76 24.28
CA GLN B 67 -4.15 6.59 24.49
C GLN B 67 -4.57 7.34 23.23
N GLU B 68 -3.66 7.56 22.30
CA GLU B 68 -3.92 8.29 21.08
C GLU B 68 -3.35 7.53 19.90
N PRO B 69 -3.98 7.62 18.72
CA PRO B 69 -3.49 6.81 17.59
C PRO B 69 -2.10 7.20 17.15
N TRP B 70 -1.70 8.46 17.31
CA TRP B 70 -0.39 8.84 16.78
C TRP B 70 0.74 8.24 17.60
N GLN B 71 0.48 7.83 18.85
CA GLN B 71 1.50 7.11 19.63
C GLN B 71 1.75 5.72 19.09
N TYR B 72 0.68 5.03 18.64
CA TYR B 72 0.87 3.77 17.93
C TYR B 72 1.69 3.99 16.68
N VAL B 73 1.30 4.98 15.87
CA VAL B 73 2.02 5.31 14.65
C VAL B 73 3.47 5.63 14.98
N ASP B 74 3.68 6.39 16.06
CA ASP B 74 5.04 6.73 16.50
C ASP B 74 5.90 5.47 16.71
N ASP B 75 5.34 4.45 17.38
CA ASP B 75 6.12 3.24 17.67
C ASP B 75 6.44 2.46 16.40
N VAL B 76 5.53 2.44 15.44
CA VAL B 76 5.82 1.77 14.18
C VAL B 76 7.01 2.43 13.48
N TRP B 77 6.95 3.76 13.30
CA TRP B 77 8.05 4.44 12.64
C TRP B 77 9.34 4.33 13.46
N LEU B 78 9.23 4.25 14.79
CA LEU B 78 10.40 4.01 15.63
C LEU B 78 11.07 2.69 15.27
N MET B 79 10.28 1.64 15.09
CA MET B 79 10.87 0.36 14.76
C MET B 79 11.51 0.40 13.37
N PHE B 80 10.87 1.08 12.42
CA PHE B 80 11.49 1.24 11.11
C PHE B 80 12.76 2.06 11.20
N ASN B 81 12.73 3.17 11.93
CA ASN B 81 13.90 4.05 11.92
C ASN B 81 15.07 3.44 12.67
N ASN B 82 14.81 2.62 13.69
CA ASN B 82 15.89 1.86 14.31
C ASN B 82 16.58 0.94 13.30
N ALA B 83 15.79 0.26 12.46
CA ALA B 83 16.41 -0.66 11.50
C ALA B 83 17.16 0.08 10.40
N TRP B 84 16.62 1.21 9.94
CA TRP B 84 17.32 2.03 8.95
C TRP B 84 18.60 2.64 9.53
N LEU B 85 18.58 3.00 10.81
CA LEU B 85 19.79 3.54 11.43
C LEU B 85 20.88 2.47 11.54
N TYR B 86 20.52 1.30 12.07
CA TYR B 86 21.57 0.35 12.43
C TYR B 86 22.14 -0.35 11.20
N ASN B 87 21.30 -0.61 10.20
CA ASN B 87 21.72 -1.47 9.08
C ASN B 87 22.21 -0.63 7.91
N ARG B 88 23.12 -1.19 7.09
CA ARG B 88 23.53 -0.44 5.91
C ARG B 88 22.44 -0.43 4.85
N LYS B 89 22.45 0.65 4.04
CA LYS B 89 21.41 0.85 3.02
C LYS B 89 21.33 -0.29 2.02
N THR B 90 22.44 -0.95 1.74
CA THR B 90 22.46 -2.07 0.81
C THR B 90 22.06 -3.39 1.45
N SER B 91 21.77 -3.40 2.76
CA SER B 91 21.56 -4.69 3.39
C SER B 91 20.15 -5.19 3.12
N ARG B 92 19.95 -6.47 3.30
CA ARG B 92 18.65 -7.06 3.13
C ARG B 92 17.66 -6.55 4.17
N VAL B 93 18.11 -6.42 5.40
CA VAL B 93 17.16 -6.00 6.42
C VAL B 93 16.75 -4.55 6.20
N TYR B 94 17.68 -3.71 5.71
CA TYR B 94 17.31 -2.35 5.36
C TYR B 94 16.21 -2.35 4.30
N LYS B 95 16.41 -3.13 3.25
CA LYS B 95 15.43 -3.21 2.17
C LYS B 95 14.11 -3.78 2.64
N PHE B 96 14.14 -4.83 3.48
CA PHE B 96 12.91 -5.36 4.05
C PHE B 96 12.18 -4.31 4.88
N CYS B 97 12.93 -3.54 5.67
CA CYS B 97 12.31 -2.44 6.40
C CYS B 97 11.60 -1.47 5.46
N SER B 98 12.24 -1.12 4.34
CA SER B 98 11.65 -0.16 3.41
C SER B 98 10.34 -0.68 2.82
N LYS B 99 10.30 -1.97 2.50
CA LYS B 99 9.05 -2.57 2.01
C LYS B 99 7.96 -2.52 3.07
N LEU B 100 8.30 -2.89 4.31
CA LEU B 100 7.31 -2.80 5.39
C LEU B 100 6.80 -1.37 5.55
N ALA B 101 7.70 -0.38 5.44
CA ALA B 101 7.26 1.02 5.55
C ALA B 101 6.31 1.40 4.42
N GLU B 102 6.58 0.89 3.21
CA GLU B 102 5.72 1.14 2.08
C GLU B 102 4.34 0.51 2.31
N VAL B 103 4.31 -0.73 2.79
CA VAL B 103 3.04 -1.35 3.15
C VAL B 103 2.32 -0.54 4.22
N PHE B 104 3.05 -0.09 5.25
CA PHE B 104 2.41 0.64 6.34
C PHE B 104 1.81 1.95 5.86
N GLU B 105 2.56 2.69 5.03
CA GLU B 105 2.09 3.96 4.51
C GLU B 105 0.70 3.82 3.88
N GLN B 106 0.52 2.78 3.08
CA GLN B 106 -0.76 2.61 2.40
C GLN B 106 -1.87 2.22 3.38
N GLU B 107 -1.54 1.38 4.38
CA GLU B 107 -2.57 0.94 5.31
C GLU B 107 -3.03 2.03 6.26
N ILE B 108 -2.09 2.81 6.81
CA ILE B 108 -2.40 3.64 7.96
C ILE B 108 -3.14 4.91 7.57
N ASP B 109 -2.91 5.42 6.36
CA ASP B 109 -3.44 6.74 6.03
C ASP B 109 -4.96 6.80 6.03
N PRO B 110 -5.69 5.88 5.39
CA PRO B 110 -7.17 5.94 5.50
C PRO B 110 -7.69 5.63 6.90
N VAL B 111 -6.99 4.78 7.66
CA VAL B 111 -7.41 4.50 9.03
C VAL B 111 -7.31 5.76 9.87
N MET B 112 -6.17 6.46 9.75
CA MET B 112 -5.96 7.67 10.55
C MET B 112 -6.93 8.77 10.14
N GLN B 113 -7.19 8.87 8.82
CA GLN B 113 -8.24 9.75 8.32
C GLN B 113 -9.56 9.58 9.07
N SER B 114 -10.03 8.34 9.15
CA SER B 114 -11.34 8.06 9.71
C SER B 114 -11.39 8.13 11.23
N LEU B 115 -10.23 8.06 11.90
CA LEU B 115 -10.21 8.22 13.36
C LEU B 115 -10.20 9.70 13.76
N GLY B 116 -9.58 10.56 12.96
CA GLY B 116 -9.33 11.93 13.36
C GLY B 116 -10.40 12.94 12.99
N LYS C 2 -1.70 -5.95 -22.59
CA LYS C 2 -1.03 -5.59 -23.82
C LYS C 2 0.00 -4.48 -23.60
N ILE C 3 -0.44 -3.23 -23.72
CA ILE C 3 0.44 -2.06 -23.84
C ILE C 3 1.38 -1.89 -22.63
N PHE C 4 1.28 -2.78 -21.66
CA PHE C 4 1.65 -2.49 -20.29
C PHE C 4 1.95 -3.79 -19.57
N LYS C 5 3.10 -3.85 -18.95
CA LYS C 5 3.40 -4.96 -18.06
C LYS C 5 2.70 -4.73 -16.73
N PRO C 6 2.42 -5.79 -15.97
CA PRO C 6 1.62 -5.62 -14.73
C PRO C 6 2.22 -4.63 -13.72
N GLU C 7 3.56 -4.58 -13.59
CA GLU C 7 4.14 -3.63 -12.64
C GLU C 7 3.89 -2.19 -13.07
N GLU C 8 4.07 -1.91 -14.37
CA GLU C 8 3.77 -0.57 -14.88
C GLU C 8 2.28 -0.23 -14.72
N LEU C 9 1.39 -1.18 -15.06
CA LEU C 9 -0.03 -0.99 -14.78
C LEU C 9 -0.29 -0.57 -13.35
N ARG C 10 0.32 -1.27 -12.40
CA ARG C 10 0.04 -1.03 -10.98
C ARG C 10 0.30 0.42 -10.59
N GLN C 11 1.43 0.99 -11.03
CA GLN C 11 1.70 2.39 -10.70
C GLN C 11 0.70 3.34 -11.36
N ALA C 12 0.25 3.03 -12.57
CA ALA C 12 -0.71 3.90 -13.24
C ALA C 12 -2.09 3.83 -12.59
N LEU C 13 -2.46 2.67 -12.05
CA LEU C 13 -3.81 2.51 -11.49
C LEU C 13 -3.89 2.90 -10.02
N MET C 14 -2.79 2.75 -9.30
CA MET C 14 -2.80 2.93 -7.85
C MET C 14 -3.33 4.30 -7.41
N PRO C 15 -3.04 5.42 -8.09
CA PRO C 15 -3.63 6.69 -7.65
C PRO C 15 -5.14 6.71 -7.71
N THR C 16 -5.76 6.02 -8.68
CA THR C 16 -7.22 6.03 -8.77
C THR C 16 -7.85 5.30 -7.59
N LEU C 17 -7.14 4.29 -7.07
CA LEU C 17 -7.61 3.55 -5.90
C LEU C 17 -7.44 4.36 -4.63
N GLU C 18 -6.28 5.00 -4.44
CA GLU C 18 -6.12 5.87 -3.28
C GLU C 18 -7.20 6.95 -3.24
N ALA C 19 -7.62 7.43 -4.43
CA ALA C 19 -8.66 8.45 -4.49
C ALA C 19 -9.97 7.95 -3.90
N LEU C 20 -10.34 6.70 -4.18
CA LEU C 20 -11.54 6.12 -3.58
C LEU C 20 -11.39 6.03 -2.06
N TYR C 21 -10.22 5.54 -1.61
CA TYR C 21 -10.01 5.37 -0.17
C TYR C 21 -9.99 6.71 0.56
N ARG C 22 -9.61 7.78 -0.12
CA ARG C 22 -9.55 9.07 0.54
C ARG C 22 -10.93 9.67 0.79
N GLN C 23 -11.99 9.14 0.20
CA GLN C 23 -13.32 9.68 0.47
C GLN C 23 -13.77 9.21 1.85
N ASP C 24 -13.97 10.17 2.74
CA ASP C 24 -14.45 9.82 4.07
C ASP C 24 -15.64 10.73 4.35
N PRO C 25 -16.81 10.20 4.75
CA PRO C 25 -17.11 8.81 5.15
C PRO C 25 -17.51 7.87 4.01
N GLU C 26 -17.50 8.34 2.76
CA GLU C 26 -18.17 7.61 1.70
C GLU C 26 -17.53 6.27 1.38
N SER C 27 -16.21 6.13 1.56
CA SER C 27 -15.57 4.85 1.26
C SER C 27 -15.72 3.82 2.39
N LEU C 28 -16.12 4.25 3.58
CA LEU C 28 -16.13 3.37 4.74
C LEU C 28 -16.89 2.07 4.53
N PRO C 29 -18.09 2.05 3.94
CA PRO C 29 -18.76 0.75 3.71
C PRO C 29 -18.05 -0.13 2.71
N PHE C 30 -17.11 0.40 1.94
CA PHE C 30 -16.50 -0.33 0.84
C PHE C 30 -15.09 -0.77 1.16
N ARG C 31 -14.58 -0.45 2.35
CA ARG C 31 -13.17 -0.72 2.65
C ARG C 31 -12.92 -2.16 3.05
N GLN C 32 -13.96 -2.94 3.32
CA GLN C 32 -13.84 -4.34 3.68
C GLN C 32 -15.04 -5.06 3.07
N PRO C 33 -14.94 -6.39 2.89
CA PRO C 33 -16.05 -7.12 2.26
C PRO C 33 -17.33 -6.99 3.08
N VAL C 34 -18.45 -6.94 2.37
CA VAL C 34 -19.74 -7.02 3.05
C VAL C 34 -19.78 -8.35 3.78
N ASP C 35 -20.17 -8.31 5.06
CA ASP C 35 -20.24 -9.52 5.87
C ASP C 35 -21.71 -9.71 6.21
N PRO C 36 -22.44 -10.52 5.45
CA PRO C 36 -23.88 -10.66 5.69
C PRO C 36 -24.23 -11.19 7.06
N GLN C 37 -23.37 -12.00 7.69
CA GLN C 37 -23.68 -12.45 9.04
C GLN C 37 -23.62 -11.29 10.03
N LEU C 38 -22.53 -10.51 10.00
CA LEU C 38 -22.42 -9.33 10.85
C LEU C 38 -23.59 -8.38 10.64
N LEU C 39 -23.91 -8.07 9.40
CA LEU C 39 -24.94 -7.07 9.14
C LEU C 39 -26.35 -7.64 9.12
N GLY C 40 -26.50 -8.96 9.33
CA GLY C 40 -27.83 -9.53 9.40
C GLY C 40 -28.62 -9.44 8.12
N ILE C 41 -27.97 -9.67 6.98
CA ILE C 41 -28.63 -9.56 5.69
C ILE C 41 -28.44 -10.90 4.98
N PRO C 42 -29.18 -11.93 5.42
CA PRO C 42 -28.90 -13.31 4.95
C PRO C 42 -29.05 -13.48 3.46
N ASP C 43 -29.79 -12.61 2.79
CA ASP C 43 -30.03 -12.71 1.35
C ASP C 43 -29.01 -11.95 0.51
N TYR C 44 -27.96 -11.38 1.11
CA TYR C 44 -27.01 -10.61 0.33
C TYR C 44 -26.39 -11.46 -0.78
N PHE C 45 -25.92 -12.66 -0.44
CA PHE C 45 -25.21 -13.46 -1.42
C PHE C 45 -26.15 -14.07 -2.46
N ASP C 46 -27.48 -14.10 -2.20
CA ASP C 46 -28.45 -14.43 -3.25
C ASP C 46 -28.49 -13.35 -4.33
N ILE C 47 -28.48 -12.08 -3.91
CA ILE C 47 -28.59 -10.96 -4.81
C ILE C 47 -27.25 -10.61 -5.44
N VAL C 48 -26.20 -10.59 -4.64
CA VAL C 48 -24.85 -10.25 -5.09
C VAL C 48 -24.08 -11.55 -5.27
N LYS C 49 -23.99 -12.03 -6.52
CA LYS C 49 -23.35 -13.30 -6.83
C LYS C 49 -21.83 -13.20 -6.86
N ASN C 50 -21.28 -12.01 -7.10
CA ASN C 50 -19.83 -11.81 -7.17
C ASN C 50 -19.47 -10.59 -6.36
N PRO C 51 -19.29 -10.75 -5.04
CA PRO C 51 -19.00 -9.60 -4.19
C PRO C 51 -17.65 -8.99 -4.54
N MET C 52 -17.53 -7.68 -4.27
CA MET C 52 -16.22 -7.08 -4.46
C MET C 52 -16.15 -5.87 -3.56
N ASP C 53 -14.95 -5.51 -3.12
CA ASP C 53 -14.77 -4.35 -2.26
C ASP C 53 -13.36 -3.80 -2.46
N LEU C 54 -13.10 -2.63 -1.85
CA LEU C 54 -11.81 -1.97 -2.05
C LEU C 54 -10.64 -2.82 -1.59
N SER C 55 -10.80 -3.51 -0.47
CA SER C 55 -9.65 -4.25 0.06
C SER C 55 -9.26 -5.40 -0.85
N THR C 56 -10.24 -5.96 -1.56
CA THR C 56 -9.97 -7.03 -2.50
C THR C 56 -9.31 -6.49 -3.76
N ILE C 57 -9.80 -5.35 -4.24
CA ILE C 57 -9.17 -4.69 -5.38
C ILE C 57 -7.74 -4.31 -5.04
N LYS C 58 -7.55 -3.79 -3.83
CA LYS C 58 -6.21 -3.44 -3.38
C LYS C 58 -5.29 -4.66 -3.35
N ARG C 59 -5.79 -5.78 -2.83
CA ARG C 59 -5.00 -7.00 -2.82
C ARG C 59 -4.64 -7.46 -4.23
N LYS C 60 -5.61 -7.41 -5.16
CA LYS C 60 -5.32 -7.83 -6.54
C LYS C 60 -4.29 -6.91 -7.18
N LEU C 61 -4.40 -5.61 -6.95
CA LEU C 61 -3.38 -4.70 -7.45
C LEU C 61 -2.02 -4.99 -6.85
N ASP C 62 -1.94 -5.15 -5.53
CA ASP C 62 -0.65 -5.29 -4.87
C ASP C 62 0.04 -6.59 -5.27
N THR C 63 -0.71 -7.66 -5.53
CA THR C 63 -0.14 -8.95 -5.87
C THR C 63 0.04 -9.14 -7.37
N GLY C 64 -0.26 -8.12 -8.16
CA GLY C 64 -0.01 -8.18 -9.58
C GLY C 64 -0.99 -9.02 -10.34
N GLN C 65 -2.25 -9.07 -9.90
CA GLN C 65 -3.19 -9.95 -10.58
C GLN C 65 -3.79 -9.30 -11.81
N TYR C 66 -3.70 -7.97 -11.95
CA TYR C 66 -4.25 -7.27 -13.10
C TYR C 66 -3.19 -7.20 -14.19
N GLN C 67 -3.49 -7.76 -15.37
CA GLN C 67 -2.62 -7.55 -16.52
C GLN C 67 -3.24 -6.58 -17.53
N GLU C 68 -4.46 -6.11 -17.34
CA GLU C 68 -5.28 -5.34 -18.25
C GLU C 68 -5.98 -4.28 -17.42
N PRO C 69 -5.99 -3.00 -17.82
CA PRO C 69 -6.69 -2.00 -16.99
C PRO C 69 -8.18 -2.28 -16.89
N TRP C 70 -8.77 -2.88 -17.92
CA TRP C 70 -10.19 -3.19 -17.83
C TRP C 70 -10.49 -4.29 -16.82
N GLN C 71 -9.52 -5.13 -16.48
CA GLN C 71 -9.74 -6.05 -15.37
C GLN C 71 -10.03 -5.29 -14.09
N TYR C 72 -9.29 -4.20 -13.86
CA TYR C 72 -9.39 -3.37 -12.67
C TYR C 72 -10.65 -2.52 -12.69
N VAL C 73 -10.89 -1.83 -13.81
CA VAL C 73 -12.09 -0.99 -13.92
C VAL C 73 -13.34 -1.84 -13.74
N ASP C 74 -13.35 -3.04 -14.31
CA ASP C 74 -14.49 -3.93 -14.15
C ASP C 74 -14.71 -4.31 -12.69
N ASP C 75 -13.61 -4.49 -11.94
CA ASP C 75 -13.77 -4.83 -10.53
C ASP C 75 -14.33 -3.66 -9.75
N VAL C 76 -13.86 -2.45 -10.05
CA VAL C 76 -14.39 -1.26 -9.38
C VAL C 76 -15.88 -1.08 -9.69
N TRP C 77 -16.25 -1.24 -10.96
CA TRP C 77 -17.65 -1.07 -11.32
C TRP C 77 -18.51 -2.22 -10.80
N LEU C 78 -17.93 -3.42 -10.66
CA LEU C 78 -18.64 -4.51 -10.01
C LEU C 78 -18.98 -4.15 -8.56
N MET C 79 -18.02 -3.58 -7.84
CA MET C 79 -18.33 -3.20 -6.46
C MET C 79 -19.41 -2.12 -6.43
N PHE C 80 -19.37 -1.15 -7.34
CA PHE C 80 -20.43 -0.13 -7.40
C PHE C 80 -21.78 -0.75 -7.74
N ASN C 81 -21.80 -1.63 -8.75
CA ASN C 81 -23.08 -2.19 -9.19
C ASN C 81 -23.71 -3.05 -8.10
N ASN C 82 -22.88 -3.79 -7.37
CA ASN C 82 -23.39 -4.59 -6.26
C ASN C 82 -24.10 -3.72 -5.23
N ALA C 83 -23.48 -2.59 -4.88
CA ALA C 83 -24.08 -1.70 -3.89
C ALA C 83 -25.34 -1.03 -4.43
N TRP C 84 -25.33 -0.62 -5.70
CA TRP C 84 -26.53 -0.03 -6.28
C TRP C 84 -27.64 -1.07 -6.42
N LEU C 85 -27.26 -2.33 -6.62
CA LEU C 85 -28.26 -3.38 -6.75
C LEU C 85 -28.92 -3.69 -5.40
N TYR C 86 -28.11 -3.86 -4.35
CA TYR C 86 -28.66 -4.31 -3.08
C TYR C 86 -29.34 -3.19 -2.31
N ASN C 87 -28.86 -1.96 -2.43
CA ASN C 87 -29.35 -0.87 -1.60
C ASN C 87 -30.33 -0.01 -2.37
N ARG C 88 -31.26 0.61 -1.65
CA ARG C 88 -32.27 1.46 -2.26
C ARG C 88 -31.69 2.84 -2.58
N LYS C 89 -32.28 3.49 -3.58
CA LYS C 89 -31.72 4.73 -4.13
C LYS C 89 -31.61 5.82 -3.07
N THR C 90 -32.53 5.83 -2.11
CA THR C 90 -32.49 6.82 -1.05
C THR C 90 -31.53 6.48 0.08
N SER C 91 -30.95 5.29 0.09
CA SER C 91 -30.13 4.88 1.22
C SER C 91 -28.80 5.63 1.26
N ARG C 92 -28.26 5.74 2.46
CA ARG C 92 -26.94 6.33 2.64
C ARG C 92 -25.87 5.56 1.84
N VAL C 93 -25.94 4.22 1.82
CA VAL C 93 -24.88 3.45 1.17
C VAL C 93 -24.93 3.67 -0.34
N TYR C 94 -26.14 3.71 -0.90
CA TYR C 94 -26.31 3.96 -2.33
C TYR C 94 -25.74 5.34 -2.70
N LYS C 95 -26.01 6.36 -1.88
CA LYS C 95 -25.51 7.69 -2.22
C LYS C 95 -24.00 7.80 -2.00
N PHE C 96 -23.46 7.12 -0.99
CA PHE C 96 -22.00 7.03 -0.85
C PHE C 96 -21.38 6.36 -2.07
N CYS C 97 -22.03 5.30 -2.55
CA CYS C 97 -21.53 4.62 -3.76
C CYS C 97 -21.48 5.59 -4.93
N SER C 98 -22.54 6.38 -5.11
CA SER C 98 -22.59 7.32 -6.23
C SER C 98 -21.48 8.35 -6.14
N LYS C 99 -21.15 8.81 -4.93
CA LYS C 99 -20.01 9.71 -4.75
C LYS C 99 -18.72 9.04 -5.21
N LEU C 100 -18.45 7.82 -4.73
CA LEU C 100 -17.24 7.11 -5.15
C LEU C 100 -17.19 6.93 -6.67
N ALA C 101 -18.32 6.54 -7.28
CA ALA C 101 -18.32 6.35 -8.73
C ALA C 101 -17.99 7.66 -9.46
N GLU C 102 -18.49 8.79 -8.94
CA GLU C 102 -18.22 10.06 -9.59
C GLU C 102 -16.75 10.46 -9.40
N VAL C 103 -16.17 10.15 -8.24
CA VAL C 103 -14.74 10.34 -8.04
C VAL C 103 -13.93 9.42 -8.96
N PHE C 104 -14.41 8.19 -9.15
CA PHE C 104 -13.67 7.23 -9.97
C PHE C 104 -13.69 7.62 -11.45
N GLU C 105 -14.83 8.06 -11.96
CA GLU C 105 -14.90 8.43 -13.38
C GLU C 105 -13.87 9.49 -13.71
N GLN C 106 -13.80 10.52 -12.88
CA GLN C 106 -12.84 11.62 -13.09
C GLN C 106 -11.40 11.10 -13.06
N GLU C 107 -11.11 10.14 -12.17
CA GLU C 107 -9.74 9.75 -11.94
C GLU C 107 -9.26 8.67 -12.89
N ILE C 108 -10.16 7.83 -13.39
CA ILE C 108 -9.77 6.74 -14.28
C ILE C 108 -9.67 7.19 -15.73
N ASP C 109 -10.28 8.33 -16.07
CA ASP C 109 -10.36 8.69 -17.49
C ASP C 109 -8.99 9.02 -18.08
N PRO C 110 -8.16 9.88 -17.47
CA PRO C 110 -6.78 10.04 -17.98
C PRO C 110 -6.02 8.74 -18.15
N VAL C 111 -6.20 7.77 -17.26
CA VAL C 111 -5.57 6.46 -17.45
C VAL C 111 -6.04 5.83 -18.77
N MET C 112 -7.35 5.87 -19.02
CA MET C 112 -7.89 5.21 -20.19
C MET C 112 -7.59 5.98 -21.48
N GLN C 113 -7.14 7.22 -21.37
CA GLN C 113 -6.62 7.90 -22.56
C GLN C 113 -5.29 7.28 -22.99
N SER C 114 -4.41 7.01 -22.04
CA SER C 114 -3.10 6.49 -22.38
C SER C 114 -3.15 5.02 -22.79
N LEU C 115 -3.74 4.18 -21.94
CA LEU C 115 -3.63 2.73 -22.12
C LEU C 115 -4.60 2.22 -23.16
N GLY C 116 -5.80 2.80 -23.24
CA GLY C 116 -6.78 2.40 -24.23
C GLY C 116 -6.55 3.00 -25.60
N LYS D 1 21.45 3.59 -8.45
CA LYS D 1 20.66 4.64 -7.81
C LYS D 1 21.26 5.06 -6.47
N LYS D 2 21.37 6.37 -6.24
CA LYS D 2 21.75 6.89 -4.94
C LYS D 2 20.73 6.45 -3.90
N ILE D 3 21.20 6.17 -2.68
CA ILE D 3 20.32 5.85 -1.56
C ILE D 3 20.57 6.84 -0.43
N PHE D 4 19.49 7.28 0.20
CA PHE D 4 19.56 8.25 1.30
C PHE D 4 18.92 7.65 2.54
N LYS D 5 19.67 7.64 3.63
CA LYS D 5 19.08 7.29 4.91
C LYS D 5 18.16 8.41 5.38
N PRO D 6 17.12 8.08 6.14
CA PRO D 6 16.21 9.12 6.64
C PRO D 6 16.94 10.26 7.35
N GLU D 7 18.02 9.97 8.09
CA GLU D 7 18.70 11.03 8.82
C GLU D 7 19.44 11.98 7.88
N GLU D 8 20.05 11.45 6.82
CA GLU D 8 20.64 12.32 5.80
C GLU D 8 19.60 13.29 5.26
N LEU D 9 18.44 12.79 4.87
CA LEU D 9 17.41 13.63 4.28
C LEU D 9 16.89 14.63 5.30
N ARG D 10 16.54 14.13 6.48
CA ARG D 10 16.09 14.98 7.58
C ARG D 10 17.04 16.14 7.83
N GLN D 11 18.34 15.89 7.86
CA GLN D 11 19.30 16.93 8.21
C GLN D 11 19.48 17.95 7.08
N ALA D 12 19.39 17.51 5.83
CA ALA D 12 19.54 18.44 4.71
C ALA D 12 18.26 19.21 4.43
N LEU D 13 17.10 18.53 4.53
CA LEU D 13 15.86 19.11 4.05
C LEU D 13 15.08 19.87 5.12
N MET D 14 15.17 19.45 6.38
CA MET D 14 14.37 20.11 7.41
C MET D 14 14.66 21.61 7.56
N PRO D 15 15.88 22.12 7.36
CA PRO D 15 16.04 23.58 7.45
C PRO D 15 15.27 24.32 6.36
N THR D 16 15.06 23.72 5.19
CA THR D 16 14.23 24.38 4.18
C THR D 16 12.77 24.40 4.62
N LEU D 17 12.29 23.31 5.23
CA LEU D 17 10.93 23.33 5.77
C LEU D 17 10.79 24.36 6.90
N GLU D 18 11.79 24.46 7.76
CA GLU D 18 11.66 25.42 8.85
C GLU D 18 11.65 26.85 8.32
N ALA D 19 12.30 27.11 7.19
CA ALA D 19 12.30 28.46 6.65
C ALA D 19 10.90 28.89 6.22
N LEU D 20 10.09 27.95 5.73
CA LEU D 20 8.71 28.29 5.40
C LEU D 20 7.90 28.54 6.66
N TYR D 21 8.13 27.74 7.71
CA TYR D 21 7.40 27.94 8.96
C TYR D 21 7.63 29.33 9.53
N ARG D 22 8.82 29.88 9.32
CA ARG D 22 9.17 31.18 9.90
C ARG D 22 8.50 32.35 9.19
N GLN D 23 8.03 32.14 7.95
CA GLN D 23 7.38 33.21 7.20
C GLN D 23 6.06 33.54 7.87
N ASP D 24 5.98 34.72 8.48
CA ASP D 24 4.79 35.22 9.14
C ASP D 24 4.39 36.54 8.48
N PRO D 25 3.13 36.71 8.04
CA PRO D 25 1.99 35.81 8.14
C PRO D 25 1.86 34.77 7.02
N GLU D 26 2.81 34.69 6.08
CA GLU D 26 2.52 33.96 4.85
C GLU D 26 2.30 32.46 5.08
N SER D 27 2.96 31.86 6.08
CA SER D 27 2.83 30.43 6.29
C SER D 27 1.61 30.04 7.13
N LEU D 28 0.91 31.02 7.76
CA LEU D 28 -0.18 30.67 8.66
C LEU D 28 -1.27 29.80 8.04
N PRO D 29 -1.73 30.02 6.81
CA PRO D 29 -2.75 29.10 6.23
C PRO D 29 -2.24 27.71 5.92
N PHE D 30 -0.92 27.48 6.00
CA PHE D 30 -0.31 26.23 5.58
C PHE D 30 0.26 25.41 6.74
N ARG D 31 0.24 25.95 7.96
CA ARG D 31 0.84 25.24 9.10
C ARG D 31 0.00 24.06 9.57
N GLN D 32 -1.28 24.04 9.27
CA GLN D 32 -2.15 22.92 9.60
C GLN D 32 -3.01 22.56 8.40
N PRO D 33 -3.50 21.32 8.34
CA PRO D 33 -4.34 20.93 7.21
C PRO D 33 -5.57 21.82 7.11
N VAL D 34 -5.99 22.08 5.87
CA VAL D 34 -7.23 22.83 5.67
C VAL D 34 -8.37 22.06 6.32
N ASP D 35 -9.13 22.74 7.18
CA ASP D 35 -10.34 22.20 7.79
C ASP D 35 -11.55 22.79 7.08
N PRO D 36 -12.13 22.10 6.10
CA PRO D 36 -13.25 22.70 5.35
C PRO D 36 -14.49 22.90 6.20
N GLN D 37 -14.67 22.12 7.27
CA GLN D 37 -15.82 22.31 8.14
C GLN D 37 -15.67 23.59 8.95
N LEU D 38 -14.51 23.78 9.57
CA LEU D 38 -14.18 25.01 10.28
C LEU D 38 -14.30 26.25 9.39
N LEU D 39 -13.85 26.15 8.14
CA LEU D 39 -13.82 27.30 7.24
C LEU D 39 -15.05 27.41 6.37
N GLY D 40 -15.98 26.46 6.44
CA GLY D 40 -17.22 26.57 5.71
C GLY D 40 -17.08 26.52 4.21
N ILE D 41 -16.17 25.69 3.71
CA ILE D 41 -15.93 25.54 2.28
C ILE D 41 -16.12 24.07 1.93
N PRO D 42 -17.37 23.60 1.85
CA PRO D 42 -17.60 22.15 1.72
C PRO D 42 -17.03 21.52 0.47
N ASP D 43 -16.80 22.28 -0.60
CA ASP D 43 -16.29 21.69 -1.83
C ASP D 43 -14.77 21.53 -1.84
N TYR D 44 -14.09 21.86 -0.74
CA TYR D 44 -12.63 21.88 -0.78
C TYR D 44 -12.07 20.53 -1.20
N PHE D 45 -12.53 19.46 -0.55
CA PHE D 45 -11.95 18.14 -0.81
C PHE D 45 -12.38 17.56 -2.15
N ASP D 46 -13.40 18.15 -2.79
CA ASP D 46 -13.76 17.75 -4.13
C ASP D 46 -12.83 18.36 -5.17
N ILE D 47 -12.29 19.55 -4.89
CA ILE D 47 -11.37 20.21 -5.82
C ILE D 47 -9.93 19.82 -5.52
N VAL D 48 -9.56 19.76 -4.25
CA VAL D 48 -8.19 19.43 -3.87
C VAL D 48 -8.12 17.94 -3.59
N LYS D 49 -7.51 17.19 -4.50
CA LYS D 49 -7.54 15.72 -4.48
C LYS D 49 -6.62 15.14 -3.41
N ASN D 50 -5.39 15.63 -3.31
N ASN D 50 -5.37 15.58 -3.35
CA ASN D 50 -4.43 15.14 -2.32
CA ASN D 50 -4.41 15.15 -2.33
C ASN D 50 -4.03 16.32 -1.45
C ASN D 50 -4.05 16.35 -1.48
N PRO D 51 -4.77 16.60 -0.37
CA PRO D 51 -4.39 17.70 0.53
C PRO D 51 -2.98 17.52 1.07
N MET D 52 -2.32 18.66 1.30
CA MET D 52 -1.00 18.62 1.90
C MET D 52 -0.74 19.94 2.61
N ASP D 53 0.01 19.87 3.71
CA ASP D 53 0.35 21.07 4.47
C ASP D 53 1.69 20.86 5.16
N LEU D 54 2.17 21.94 5.79
CA LEU D 54 3.49 21.94 6.42
C LEU D 54 3.61 20.88 7.51
N SER D 55 2.55 20.68 8.31
CA SER D 55 2.67 19.75 9.44
C SER D 55 2.76 18.31 8.95
N THR D 56 2.01 17.97 7.90
CA THR D 56 2.10 16.65 7.31
C THR D 56 3.47 16.39 6.71
N ILE D 57 3.99 17.37 5.96
CA ILE D 57 5.34 17.26 5.41
C ILE D 57 6.38 17.13 6.52
N LYS D 58 6.20 17.89 7.60
CA LYS D 58 7.13 17.76 8.72
C LYS D 58 7.11 16.35 9.29
N ARG D 59 5.91 15.81 9.51
CA ARG D 59 5.76 14.44 10.03
C ARG D 59 6.42 13.43 9.10
N LYS D 60 6.24 13.61 7.79
CA LYS D 60 6.79 12.64 6.86
C LYS D 60 8.33 12.71 6.85
N LEU D 61 8.87 13.92 6.86
CA LEU D 61 10.33 14.09 6.94
C LEU D 61 10.88 13.62 8.28
N ASP D 62 10.10 13.78 9.34
CA ASP D 62 10.53 13.36 10.67
C ASP D 62 10.65 11.84 10.78
N THR D 63 9.90 11.08 9.97
CA THR D 63 9.79 9.64 10.16
C THR D 63 10.42 8.83 9.03
N GLY D 64 11.04 9.46 8.04
CA GLY D 64 11.64 8.74 6.94
C GLY D 64 10.70 8.29 5.84
N GLN D 65 9.66 9.06 5.53
CA GLN D 65 8.74 8.64 4.48
C GLN D 65 9.14 9.12 3.09
N TYR D 66 10.24 9.85 2.97
CA TYR D 66 10.80 10.22 1.68
C TYR D 66 12.07 9.40 1.45
N GLN D 67 12.20 8.84 0.25
CA GLN D 67 13.41 8.09 -0.13
C GLN D 67 14.42 8.95 -0.86
N GLU D 68 13.95 9.83 -1.73
CA GLU D 68 14.75 10.76 -2.48
C GLU D 68 14.35 12.18 -2.12
N PRO D 69 15.29 13.12 -2.14
CA PRO D 69 14.93 14.51 -1.79
C PRO D 69 13.94 15.12 -2.78
N TRP D 70 13.92 14.65 -4.03
CA TRP D 70 12.91 15.16 -4.96
C TRP D 70 11.50 14.74 -4.57
N GLN D 71 11.35 13.70 -3.73
CA GLN D 71 10.06 13.28 -3.22
C GLN D 71 9.53 14.25 -2.15
N TYR D 72 10.40 14.70 -1.26
CA TYR D 72 10.03 15.76 -0.33
C TYR D 72 9.60 17.00 -1.11
N VAL D 73 10.35 17.33 -2.17
CA VAL D 73 10.09 18.52 -2.96
C VAL D 73 8.73 18.42 -3.64
N ASP D 74 8.35 17.23 -4.09
CA ASP D 74 7.06 17.06 -4.71
C ASP D 74 5.92 17.44 -3.76
N ASP D 75 6.04 17.03 -2.49
CA ASP D 75 4.96 17.29 -1.55
C ASP D 75 4.83 18.77 -1.23
N VAL D 76 5.95 19.49 -1.22
CA VAL D 76 5.93 20.93 -0.99
C VAL D 76 5.23 21.63 -2.15
N TRP D 77 5.61 21.30 -3.39
CA TRP D 77 4.90 21.90 -4.52
C TRP D 77 3.48 21.38 -4.65
N LEU D 78 3.17 20.22 -4.08
CA LEU D 78 1.79 19.79 -4.01
C LEU D 78 0.98 20.72 -3.11
N MET D 79 1.50 21.00 -1.92
CA MET D 79 0.91 22.02 -1.04
C MET D 79 0.63 23.33 -1.76
N PHE D 80 1.64 23.86 -2.45
CA PHE D 80 1.49 25.13 -3.14
C PHE D 80 0.44 25.03 -4.24
N ASN D 81 0.49 23.96 -5.04
CA ASN D 81 -0.43 23.91 -6.17
C ASN D 81 -1.86 23.69 -5.73
N ASN D 82 -2.07 22.99 -4.61
CA ASN D 82 -3.41 22.91 -4.05
C ASN D 82 -3.99 24.29 -3.78
N ALA D 83 -3.18 25.18 -3.19
CA ALA D 83 -3.66 26.50 -2.81
C ALA D 83 -3.86 27.39 -4.04
N TRP D 84 -2.95 27.32 -5.01
CA TRP D 84 -3.15 28.08 -6.24
C TRP D 84 -4.38 27.58 -6.99
N LEU D 85 -4.65 26.27 -6.89
CA LEU D 85 -5.81 25.70 -7.56
C LEU D 85 -7.11 26.18 -6.92
N TYR D 86 -7.17 26.16 -5.60
CA TYR D 86 -8.44 26.39 -4.93
C TYR D 86 -8.81 27.86 -4.83
N ASN D 87 -7.80 28.73 -4.72
CA ASN D 87 -8.02 30.13 -4.40
C ASN D 87 -7.97 30.98 -5.65
N ARG D 88 -8.72 32.09 -5.63
CA ARG D 88 -8.66 33.06 -6.72
C ARG D 88 -7.28 33.70 -6.78
N LYS D 89 -6.85 34.03 -8.01
CA LYS D 89 -5.55 34.67 -8.23
C LYS D 89 -5.37 35.95 -7.41
N THR D 90 -6.46 36.69 -7.18
CA THR D 90 -6.43 37.95 -6.47
C THR D 90 -6.52 37.81 -4.95
N SER D 91 -6.60 36.58 -4.44
CA SER D 91 -6.89 36.37 -3.03
C SER D 91 -5.62 36.50 -2.19
N ARG D 92 -5.83 36.80 -0.90
CA ARG D 92 -4.73 36.85 0.05
C ARG D 92 -3.96 35.53 0.11
N VAL D 93 -4.68 34.41 0.22
CA VAL D 93 -4.00 33.13 0.38
C VAL D 93 -3.21 32.77 -0.87
N TYR D 94 -3.72 33.13 -2.06
CA TYR D 94 -2.97 32.85 -3.29
C TYR D 94 -1.68 33.64 -3.33
N LYS D 95 -1.74 34.90 -2.90
CA LYS D 95 -0.56 35.74 -2.88
C LYS D 95 0.43 35.27 -1.83
N PHE D 96 -0.07 34.86 -0.66
CA PHE D 96 0.82 34.26 0.36
C PHE D 96 1.48 32.98 -0.14
N CYS D 97 0.73 32.13 -0.86
CA CYS D 97 1.33 30.93 -1.42
C CYS D 97 2.46 31.27 -2.37
N SER D 98 2.26 32.26 -3.23
CA SER D 98 3.31 32.68 -4.15
C SER D 98 4.56 33.14 -3.40
N LYS D 99 4.39 33.94 -2.33
CA LYS D 99 5.53 34.36 -1.51
C LYS D 99 6.27 33.15 -0.94
N LEU D 100 5.52 32.21 -0.35
CA LEU D 100 6.11 31.00 0.20
C LEU D 100 6.85 30.20 -0.86
N ALA D 101 6.31 30.12 -2.08
CA ALA D 101 6.99 29.35 -3.11
C ALA D 101 8.32 29.98 -3.45
N GLU D 102 8.39 31.31 -3.44
CA GLU D 102 9.66 31.96 -3.78
C GLU D 102 10.68 31.76 -2.66
N VAL D 103 10.25 31.86 -1.41
CA VAL D 103 11.12 31.51 -0.27
C VAL D 103 11.61 30.08 -0.41
N PHE D 104 10.73 29.16 -0.82
CA PHE D 104 11.15 27.77 -0.92
C PHE D 104 12.21 27.62 -2.00
N GLU D 105 12.02 28.28 -3.14
CA GLU D 105 13.01 28.16 -4.21
C GLU D 105 14.35 28.79 -3.80
N GLN D 106 14.31 29.87 -3.04
CA GLN D 106 15.56 30.46 -2.55
C GLN D 106 16.27 29.57 -1.54
N GLU D 107 15.57 28.68 -0.85
CA GLU D 107 16.23 27.76 0.07
C GLU D 107 16.59 26.41 -0.53
N ILE D 108 15.73 25.85 -1.38
CA ILE D 108 15.93 24.48 -1.80
C ILE D 108 17.02 24.43 -2.87
N ASP D 109 17.25 25.53 -3.59
CA ASP D 109 18.20 25.49 -4.71
C ASP D 109 19.60 25.16 -4.25
N PRO D 110 20.21 25.87 -3.29
CA PRO D 110 21.57 25.47 -2.85
C PRO D 110 21.58 24.10 -2.18
N VAL D 111 20.51 23.74 -1.48
CA VAL D 111 20.44 22.44 -0.83
C VAL D 111 20.47 21.32 -1.86
N MET D 112 19.95 21.57 -3.05
CA MET D 112 19.95 20.53 -4.08
C MET D 112 21.27 20.42 -4.83
N GLN D 113 22.10 21.47 -4.83
CA GLN D 113 23.43 21.35 -5.39
C GLN D 113 24.40 20.66 -4.42
N SER D 114 24.12 20.69 -3.13
CA SER D 114 24.93 20.00 -2.14
C SER D 114 24.54 18.54 -1.98
N LEU D 115 23.65 18.03 -2.84
CA LEU D 115 23.24 16.63 -2.78
C LEU D 115 23.34 15.91 -4.12
N GLY D 116 23.54 16.62 -5.22
CA GLY D 116 23.62 15.99 -6.53
C GLY D 116 23.54 16.96 -7.69
C1 EDO E . -13.08 -24.92 9.84
O1 EDO E . -13.40 -25.86 8.80
C2 EDO E . -12.08 -23.91 9.33
O2 EDO E . -10.98 -24.61 8.72
C10 YVK F . 12.12 -24.61 -20.12
C15 YVK F . 14.68 -25.98 -19.31
C17 YVK F . 13.49 -22.08 -21.97
C20 YVK F . 14.98 -22.51 -25.36
C21 YVK F . 13.90 -21.99 -26.15
C22 YVK F . 12.51 -22.49 -25.62
C24 YVK F . 11.17 -23.38 -23.74
C26 YVK F . 9.50 -25.31 -23.08
C28 YVK F . 8.65 -22.81 -23.16
C01 YVK F . 14.16 -16.49 -18.23
C02 YVK F . 12.88 -16.83 -17.46
C03 YVK F . 12.20 -18.01 -17.47
C04 YVK F . 12.52 -19.29 -18.24
C05 YVK F . 12.73 -19.22 -19.72
C06 YVK F . 13.04 -20.53 -20.50
C07 YVK F . 13.11 -21.75 -19.85
C09 YVK F . 13.52 -24.12 -20.52
C11 YVK F . 12.08 -25.95 -19.39
C12 YVK F . 13.37 -26.79 -19.44
C14 YVK F . 12.36 -28.75 -18.68
C16 YVK F . 14.52 -24.46 -19.42
C18 YVK F . 13.78 -22.81 -23.30
C19 YVK F . 14.86 -22.10 -23.97
C25 YVK F . 10.90 -24.86 -23.51
C27 YVK F . 8.38 -24.29 -22.90
C29 YVK F . 10.05 -22.36 -23.58
C32 YVK F . 12.88 -21.83 -18.29
C33 YVK F . 12.59 -20.58 -17.53
C34 YVK F . 11.11 -17.87 -16.62
C35 YVK F . 10.03 -18.93 -16.32
N08 YVK F . 13.40 -22.68 -20.75
N23 YVK F . 12.47 -22.92 -24.16
N31 YVK F . 13.29 -20.74 -21.79
N36 YVK F . 11.12 -16.63 -16.13
O13 YVK F . 13.35 -27.78 -18.44
O30 YVK F . 11.54 -22.52 -26.28
O37 YVK F . 12.25 -15.99 -16.65
C10 YVK G . 17.28 -14.32 12.77
C15 YVK G . 14.62 -14.13 11.82
C17 YVK G . 18.79 -12.16 10.64
C20 YVK G . 21.36 -14.23 8.93
C21 YVK G . 21.17 -13.78 7.58
C22 YVK G . 19.67 -13.50 7.24
C24 YVK G . 17.35 -13.06 8.00
C26 YVK G . 15.50 -11.50 6.94
C28 YVK G . 14.88 -13.92 7.77
C01 YVK G . 20.56 -6.28 13.10
C02 YVK G . 19.14 -5.75 13.04
C03 YVK G . 17.97 -6.45 12.86
C04 YVK G . 17.85 -7.95 12.62
C05 YVK G . 18.76 -8.56 11.58
C06 YVK G . 18.66 -10.09 11.29
C07 YVK G . 17.74 -10.83 11.98
C09 YVK G . 16.85 -12.96 12.28
C11 YVK G . 16.20 -14.88 13.71
C12 YVK G . 14.77 -14.51 13.31
C14 YVK G . 13.60 -16.47 12.61
C16 YVK G . 15.56 -12.99 11.42
C18 YVK G . 19.30 -13.36 9.83
C19 YVK G . 20.77 -13.26 9.85
C25 YVK G . 16.95 -11.74 7.37
C27 YVK G . 14.45 -12.59 7.14
C29 YVK G . 16.32 -14.16 8.18
C32 YVK G . 16.80 -10.22 13.07
C33 YVK G . 16.87 -8.76 13.36
C34 YVK G . 16.91 -5.58 12.88
C35 YVK G . 15.42 -5.90 12.70
N08 YVK G . 17.82 -12.08 11.61
N23 YVK G . 18.72 -13.29 8.38
N31 YVK G . 19.30 -10.90 10.48
N36 YVK G . 17.40 -4.37 13.08
O13 YVK G . 13.92 -15.60 13.66
O30 YVK G . 19.25 -13.46 6.13
O37 YVK G . 18.79 -4.47 13.18
C10 YVK H . -19.71 0.00 7.46
C15 YVK H . -18.88 -2.22 9.30
C17 YVK H . -23.20 -0.29 7.75
C20 YVK H . -25.37 0.64 10.63
C21 YVK H . -25.88 1.88 10.11
C22 YVK H . -24.76 2.69 9.40
C24 YVK H . -22.57 2.69 8.21
C26 YVK H . -20.20 3.82 8.26
C28 YVK H . -21.77 4.09 6.16
C01 YVK H . -25.53 -3.86 2.79
C02 YVK H . -24.50 -3.36 1.79
C03 YVK H . -23.36 -2.67 2.07
C04 YVK H . -22.90 -2.23 3.45
C05 YVK H . -23.88 -1.53 4.33
C06 YVK H . -23.42 -1.09 5.76
C07 YVK H . -22.12 -1.32 6.17
C09 YVK H . -20.75 -0.85 8.23
C11 YVK H . -18.35 0.08 8.15
C12 YVK H . -18.12 -0.86 9.35
C14 YVK H . -16.23 -2.30 9.82
C16 YVK H . -20.21 -2.24 8.53
C18 YVK H . -23.54 0.38 9.07
C19 YVK H . -24.78 -0.20 9.59
C25 YVK H . -21.27 2.99 8.95
C27 YVK H . -20.46 4.38 6.87
C29 YVK H . -22.85 3.24 6.82
C32 YVK H . -21.09 -2.05 5.25
C33 YVK H . -21.51 -2.50 3.89
C34 YVK H . -22.67 -2.41 0.92
C35 YVK H . -21.36 -1.63 0.78
N08 YVK H . -21.98 -0.84 7.41
N23 YVK H . -23.59 1.91 8.86
N31 YVK H . -24.06 -0.45 6.73
N36 YVK H . -23.38 -2.94 -0.08
O13 YVK H . -16.73 -1.02 9.54
O30 YVK H . -24.78 3.86 9.23
O37 YVK H . -24.53 -3.53 0.45
C10 YVK I . -5.42 30.57 8.49
C15 YVK I . -6.81 29.21 10.65
C17 YVK I . -8.00 31.84 6.62
C20 YVK I . -10.35 34.66 7.29
C21 YVK I . -9.69 35.66 6.47
C22 YVK I . -8.13 35.60 6.62
C24 YVK I . -6.10 34.29 7.18
C26 YVK I . -3.93 34.26 8.68
C28 YVK I . -3.71 34.39 6.05
C01 YVK I . -9.31 27.79 1.68
C02 YVK I . -7.85 27.41 1.47
C03 YVK I . -6.81 27.63 2.31
C04 YVK I . -6.90 28.34 3.64
C05 YVK I . -7.57 29.68 3.66
C06 YVK I . -7.66 30.43 5.01
C07 YVK I . -7.13 29.90 6.16
C09 YVK I . -6.96 30.64 8.55
C11 YVK I . -4.72 30.56 9.85
C12 YVK I . -5.64 30.17 11.00
C14 YVK I . -3.71 30.32 12.41
C16 YVK I . -7.55 29.46 9.32
C18 YVK I . -8.49 33.09 7.36
C19 YVK I . -9.87 33.32 6.96
C25 YVK I . -5.46 34.24 8.55
C27 YVK I . -3.07 34.34 7.43
C29 YVK I . -5.24 34.38 5.92
C32 YVK I . -6.43 28.48 6.14
C33 YVK I . -6.33 27.73 4.87
C34 YVK I . -5.67 27.14 1.75
C35 YVK I . -4.25 27.15 2.31
N08 YVK I . -7.37 30.75 7.16
N23 YVK I . -7.54 34.29 7.06
N31 YVK I . -8.19 31.61 5.29
N36 YVK I . -6.01 26.62 0.56
O13 YVK I . -4.86 29.59 12.04
O30 YVK I . -7.40 36.50 6.39
O37 YVK I . -7.36 26.79 0.38
#